data_8T63
#
_entry.id   8T63
#
_entity_poly.entity_id   1
_entity_poly.type   'polypeptide(L)'
_entity_poly.pdbx_seq_one_letter_code
;WHMWNTVPNAKQVIAA
;
_entity_poly.pdbx_strand_id   A
#
# COMPACT_ATOMS: atom_id res chain seq x y z
N TRP A 1 -8.48 2.50 15.60
CA TRP A 1 -7.95 3.85 15.51
C TRP A 1 -6.52 3.84 14.98
N HIS A 2 -5.73 2.87 15.43
CA HIS A 2 -4.36 2.71 14.95
C HIS A 2 -4.34 1.98 13.62
N MET A 3 -3.31 2.25 12.82
CA MET A 3 -3.11 1.54 11.56
C MET A 3 -2.21 0.31 11.77
N TRP A 4 -2.48 -0.74 11.02
CA TRP A 4 -1.64 -1.94 11.05
C TRP A 4 -0.40 -1.75 10.19
N ASN A 5 0.73 -2.28 10.66
CA ASN A 5 1.96 -2.26 9.88
C ASN A 5 1.97 -3.38 8.84
N THR A 6 1.63 -3.04 7.61
CA THR A 6 1.47 -4.03 6.55
C THR A 6 1.72 -3.42 5.17
N VAL A 7 2.09 -4.27 4.22
CA VAL A 7 2.21 -3.83 2.83
C VAL A 7 0.85 -3.59 2.20
N PRO A 8 0.78 -2.60 1.29
CA PRO A 8 -0.45 -2.29 0.56
C PRO A 8 -0.79 -3.35 -0.47
N ASN A 9 -2.08 -3.45 -0.80
CA ASN A 9 -2.52 -4.34 -1.86
C ASN A 9 -3.01 -3.56 -3.07
N ALA A 10 -2.59 -2.30 -3.15
CA ALA A 10 -3.00 -1.43 -4.25
C ALA A 10 -2.50 -1.97 -5.59
N LYS A 11 -3.29 -1.79 -6.63
CA LYS A 11 -2.90 -2.19 -7.98
C LYS A 11 -1.93 -1.18 -8.59
N GLN A 12 -1.00 -1.67 -9.41
CA GLN A 12 -0.12 -0.80 -10.16
C GLN A 12 -0.88 -0.08 -11.27
N VAL A 13 -0.72 1.24 -11.33
CA VAL A 13 -1.39 2.04 -12.34
C VAL A 13 -0.38 2.80 -13.20
N ILE A 14 -0.57 2.72 -14.52
CA ILE A 14 0.32 3.41 -15.46
C ILE A 14 0.27 4.92 -15.26
N ALA A 15 1.42 5.56 -15.35
CA ALA A 15 1.51 7.01 -15.26
C ALA A 15 0.80 7.67 -16.43
N ALA A 16 0.21 8.84 -16.18
CA ALA A 16 -0.42 9.62 -17.24
C ALA A 16 -1.65 8.91 -17.79
N TRP A 1 7.64 -1.28 21.79
CA TRP A 1 6.45 -0.47 21.59
C TRP A 1 6.30 -0.06 20.13
N HIS A 2 6.50 -1.04 19.24
CA HIS A 2 6.39 -0.78 17.81
C HIS A 2 4.92 -0.76 17.36
N MET A 3 4.64 0.00 16.30
CA MET A 3 3.30 0.02 15.73
C MET A 3 3.14 -1.10 14.70
N TRP A 4 1.93 -1.64 14.62
CA TRP A 4 1.61 -2.64 13.60
C TRP A 4 1.56 -2.01 12.22
N ASN A 5 2.12 -2.71 11.24
CA ASN A 5 2.10 -2.23 9.85
C ASN A 5 1.85 -3.38 8.88
N THR A 6 1.49 -3.03 7.65
CA THR A 6 1.32 -4.03 6.60
C THR A 6 1.60 -3.43 5.23
N VAL A 7 1.99 -4.29 4.29
CA VAL A 7 2.14 -3.87 2.89
C VAL A 7 0.79 -3.61 2.24
N PRO A 8 0.76 -2.62 1.33
CA PRO A 8 -0.44 -2.29 0.56
C PRO A 8 -0.79 -3.35 -0.47
N ASN A 9 -2.06 -3.44 -0.82
CA ASN A 9 -2.51 -4.34 -1.88
C ASN A 9 -2.99 -3.55 -3.09
N ALA A 10 -2.58 -2.30 -3.18
CA ALA A 10 -2.96 -1.44 -4.29
C ALA A 10 -2.46 -1.98 -5.62
N LYS A 11 -3.26 -1.80 -6.66
CA LYS A 11 -2.86 -2.21 -8.01
C LYS A 11 -1.89 -1.20 -8.63
N GLN A 12 -0.97 -1.70 -9.45
CA GLN A 12 -0.08 -0.84 -10.21
C GLN A 12 -0.84 -0.09 -11.29
N VAL A 13 -0.67 1.23 -11.33
CA VAL A 13 -1.36 2.06 -12.31
C VAL A 13 -0.36 2.78 -13.21
N ILE A 14 -0.61 2.74 -14.52
CA ILE A 14 0.25 3.41 -15.47
C ILE A 14 0.23 4.92 -15.26
N ALA A 15 1.40 5.54 -15.40
CA ALA A 15 1.50 6.99 -15.30
C ALA A 15 0.76 7.68 -16.44
N ALA A 16 0.20 8.85 -16.16
CA ALA A 16 -0.43 9.67 -17.19
C ALA A 16 -1.71 9.00 -17.70
N TRP A 1 -7.71 0.36 19.69
CA TRP A 1 -6.74 -0.63 19.25
C TRP A 1 -5.84 -0.08 18.15
N HIS A 2 -4.54 -0.36 18.24
CA HIS A 2 -3.59 0.09 17.24
C HIS A 2 -3.67 -0.78 15.98
N MET A 3 -3.41 -0.17 14.84
CA MET A 3 -3.41 -0.89 13.56
C MET A 3 -2.02 -1.48 13.29
N TRP A 4 -2.00 -2.59 12.55
CA TRP A 4 -0.74 -3.18 12.12
C TRP A 4 -0.21 -2.48 10.87
N ASN A 5 1.11 -2.32 10.81
CA ASN A 5 1.76 -1.75 9.63
C ASN A 5 2.12 -2.85 8.63
N THR A 6 1.39 -2.89 7.52
CA THR A 6 1.55 -3.96 6.54
C THR A 6 1.74 -3.39 5.14
N VAL A 7 2.07 -4.26 4.19
CA VAL A 7 2.19 -3.86 2.79
C VAL A 7 0.81 -3.60 2.18
N PRO A 8 0.75 -2.63 1.26
CA PRO A 8 -0.49 -2.31 0.54
C PRO A 8 -0.85 -3.37 -0.49
N ASN A 9 -2.14 -3.45 -0.82
CA ASN A 9 -2.60 -4.34 -1.88
C ASN A 9 -3.07 -3.53 -3.08
N ALA A 10 -2.63 -2.28 -3.17
CA ALA A 10 -3.00 -1.41 -4.27
C ALA A 10 -2.51 -1.95 -5.60
N LYS A 11 -3.30 -1.75 -6.65
CA LYS A 11 -2.90 -2.16 -7.99
C LYS A 11 -1.93 -1.17 -8.60
N GLN A 12 -1.01 -1.67 -9.43
CA GLN A 12 -0.10 -0.81 -10.17
C GLN A 12 -0.85 -0.08 -11.29
N VAL A 13 -0.68 1.24 -11.34
CA VAL A 13 -1.34 2.05 -12.35
C VAL A 13 -0.32 2.79 -13.22
N ILE A 14 -0.52 2.72 -14.53
CA ILE A 14 0.38 3.40 -15.47
C ILE A 14 0.34 4.91 -15.27
N ALA A 15 1.50 5.54 -15.36
CA ALA A 15 1.60 7.00 -15.28
C ALA A 15 0.82 7.66 -16.41
N ALA A 16 0.19 8.79 -16.09
CA ALA A 16 -0.56 9.54 -17.08
C ALA A 16 -1.20 10.78 -16.48
N TRP A 1 4.73 3.69 21.64
CA TRP A 1 3.96 2.57 21.13
C TRP A 1 3.74 2.70 19.62
N HIS A 2 4.50 1.93 18.85
CA HIS A 2 4.38 1.95 17.40
C HIS A 2 3.17 1.14 16.95
N MET A 3 2.55 1.55 15.85
CA MET A 3 1.42 0.83 15.28
C MET A 3 1.89 -0.26 14.34
N TRP A 4 1.10 -1.33 14.23
CA TRP A 4 1.37 -2.39 13.26
C TRP A 4 1.08 -1.92 11.84
N ASN A 5 2.05 -2.10 10.96
CA ASN A 5 1.90 -1.69 9.56
C ASN A 5 2.15 -2.87 8.62
N THR A 6 1.42 -2.90 7.52
CA THR A 6 1.56 -3.96 6.53
C THR A 6 1.74 -3.39 5.12
N VAL A 7 2.08 -4.25 4.17
CA VAL A 7 2.19 -3.84 2.78
C VAL A 7 0.81 -3.59 2.17
N PRO A 8 0.75 -2.62 1.26
CA PRO A 8 -0.50 -2.30 0.54
C PRO A 8 -0.85 -3.36 -0.49
N ASN A 9 -2.15 -3.45 -0.82
CA ASN A 9 -2.60 -4.34 -1.88
C ASN A 9 -3.07 -3.54 -3.09
N ALA A 10 -2.64 -2.29 -3.17
CA ALA A 10 -3.02 -1.41 -4.27
C ALA A 10 -2.51 -1.96 -5.60
N LYS A 11 -3.30 -1.76 -6.65
CA LYS A 11 -2.91 -2.17 -7.99
C LYS A 11 -1.93 -1.17 -8.60
N GLN A 12 -1.01 -1.67 -9.42
CA GLN A 12 -0.10 -0.81 -10.17
C GLN A 12 -0.85 -0.08 -11.28
N VAL A 13 -0.68 1.24 -11.34
CA VAL A 13 -1.34 2.05 -12.35
C VAL A 13 -0.33 2.80 -13.21
N ILE A 14 -0.52 2.72 -14.53
CA ILE A 14 0.38 3.39 -15.47
C ILE A 14 0.34 4.90 -15.27
N ALA A 15 1.51 5.54 -15.35
CA ALA A 15 1.61 6.99 -15.27
C ALA A 15 0.84 7.66 -16.39
N ALA A 16 0.20 8.78 -16.09
CA ALA A 16 -0.56 9.54 -17.08
C ALA A 16 -1.12 10.82 -16.49
N TRP A 1 -0.41 4.26 19.82
CA TRP A 1 -1.25 5.34 19.31
C TRP A 1 -1.64 5.09 17.86
N HIS A 2 -0.69 4.60 17.07
CA HIS A 2 -0.95 4.26 15.68
C HIS A 2 -1.62 2.89 15.57
N MET A 3 -2.40 2.70 14.51
CA MET A 3 -3.01 1.40 14.23
C MET A 3 -2.07 0.51 13.44
N TRP A 4 -2.11 -0.78 13.72
CA TRP A 4 -1.36 -1.76 12.93
C TRP A 4 -1.96 -1.92 11.54
N ASN A 5 -1.09 -1.92 10.53
CA ASN A 5 -1.54 -2.03 9.14
C ASN A 5 -0.61 -2.96 8.35
N THR A 6 -1.05 -3.32 7.14
CA THR A 6 -0.23 -4.13 6.25
C THR A 6 0.02 -3.41 4.94
N VAL A 7 0.92 -3.96 4.13
CA VAL A 7 1.18 -3.42 2.79
C VAL A 7 0.02 -3.70 1.85
N PRO A 8 -0.24 -2.76 0.92
CA PRO A 8 -1.27 -2.92 -0.10
C PRO A 8 -0.88 -3.93 -1.17
N ASN A 9 -1.88 -4.51 -1.82
CA ASN A 9 -1.65 -5.40 -2.95
C ASN A 9 -2.11 -4.76 -4.25
N ALA A 10 -2.24 -3.44 -4.24
CA ALA A 10 -2.67 -2.70 -5.42
C ALA A 10 -1.67 -2.87 -6.56
N LYS A 11 -2.18 -2.91 -7.79
CA LYS A 11 -1.34 -3.00 -8.97
C LYS A 11 -0.75 -1.64 -9.32
N GLN A 12 0.48 -1.64 -9.84
CA GLN A 12 1.10 -0.42 -10.33
C GLN A 12 0.42 0.05 -11.63
N VAL A 13 0.04 1.32 -11.66
CA VAL A 13 -0.62 1.89 -12.83
C VAL A 13 0.19 3.06 -13.39
N ILE A 14 0.38 3.05 -14.70
CA ILE A 14 1.11 4.11 -15.38
C ILE A 14 0.41 5.45 -15.23
N ALA A 15 1.19 6.51 -15.01
CA ALA A 15 0.64 7.85 -14.93
C ALA A 15 -0.03 8.26 -16.24
N ALA A 16 -1.13 8.99 -16.13
CA ALA A 16 -1.84 9.48 -17.31
C ALA A 16 -3.01 10.36 -16.93
N TRP A 1 3.13 2.33 22.46
CA TRP A 1 2.67 1.17 21.69
C TRP A 1 3.01 1.34 20.21
N HIS A 2 3.46 0.25 19.60
CA HIS A 2 3.79 0.27 18.17
C HIS A 2 2.52 0.20 17.33
N MET A 3 2.55 0.82 16.16
CA MET A 3 1.42 0.80 15.24
C MET A 3 1.48 -0.43 14.34
N TRP A 4 0.33 -0.90 13.90
CA TRP A 4 0.26 -2.03 12.96
C TRP A 4 0.48 -1.55 11.53
N ASN A 5 1.49 -2.10 10.88
CA ASN A 5 1.88 -1.65 9.55
C ASN A 5 2.13 -2.84 8.62
N THR A 6 1.40 -2.88 7.51
CA THR A 6 1.57 -3.94 6.53
C THR A 6 1.74 -3.37 5.13
N VAL A 7 2.08 -4.24 4.18
CA VAL A 7 2.19 -3.84 2.78
C VAL A 7 0.81 -3.59 2.17
N PRO A 8 0.74 -2.62 1.25
CA PRO A 8 -0.49 -2.30 0.53
C PRO A 8 -0.85 -3.36 -0.49
N ASN A 9 -2.15 -3.45 -0.82
CA ASN A 9 -2.60 -4.34 -1.88
C ASN A 9 -3.07 -3.55 -3.09
N ALA A 10 -2.64 -2.29 -3.17
CA ALA A 10 -3.01 -1.41 -4.27
C ALA A 10 -2.52 -1.96 -5.60
N LYS A 11 -3.30 -1.76 -6.65
CA LYS A 11 -2.91 -2.17 -7.99
C LYS A 11 -1.93 -1.17 -8.61
N GLN A 12 -1.01 -1.68 -9.42
CA GLN A 12 -0.11 -0.81 -10.18
C GLN A 12 -0.86 -0.08 -11.29
N VAL A 13 -0.68 1.24 -11.34
CA VAL A 13 -1.34 2.05 -12.35
C VAL A 13 -0.33 2.79 -13.22
N ILE A 14 -0.52 2.72 -14.53
CA ILE A 14 0.37 3.40 -15.46
C ILE A 14 0.34 4.91 -15.26
N ALA A 15 1.50 5.54 -15.36
CA ALA A 15 1.61 6.98 -15.26
C ALA A 15 0.83 7.66 -16.39
N ALA A 16 0.20 8.79 -16.07
CA ALA A 16 -0.54 9.55 -17.07
C ALA A 16 -1.08 10.85 -16.48
N TRP A 1 7.00 -1.27 22.30
CA TRP A 1 5.96 -0.44 21.70
C TRP A 1 6.24 -0.23 20.21
N HIS A 2 6.57 -1.30 19.51
CA HIS A 2 6.83 -1.23 18.08
C HIS A 2 5.54 -1.11 17.28
N MET A 3 5.60 -0.42 16.15
CA MET A 3 4.45 -0.28 15.27
C MET A 3 4.35 -1.45 14.30
N TRP A 4 3.13 -1.77 13.88
CA TRP A 4 2.92 -2.78 12.86
C TRP A 4 3.14 -2.21 11.46
N ASN A 5 3.74 -3.02 10.59
CA ASN A 5 3.98 -2.61 9.21
C ASN A 5 3.33 -3.58 8.23
N THR A 6 2.33 -3.10 7.51
CA THR A 6 1.60 -3.94 6.57
C THR A 6 1.71 -3.39 5.15
N VAL A 7 2.01 -4.27 4.20
CA VAL A 7 2.14 -3.88 2.81
C VAL A 7 0.77 -3.61 2.19
N PRO A 8 0.72 -2.63 1.27
CA PRO A 8 -0.51 -2.29 0.54
C PRO A 8 -0.87 -3.35 -0.49
N ASN A 9 -2.16 -3.44 -0.83
CA ASN A 9 -2.62 -4.32 -1.89
C ASN A 9 -3.08 -3.52 -3.09
N ALA A 10 -2.63 -2.27 -3.18
CA ALA A 10 -3.00 -1.40 -4.30
C ALA A 10 -2.50 -1.96 -5.62
N LYS A 11 -3.28 -1.75 -6.68
CA LYS A 11 -2.88 -2.18 -8.01
C LYS A 11 -1.90 -1.18 -8.63
N GLN A 12 -0.98 -1.70 -9.45
CA GLN A 12 -0.08 -0.85 -10.20
C GLN A 12 -0.84 -0.09 -11.30
N VAL A 13 -0.64 1.23 -11.34
CA VAL A 13 -1.32 2.07 -12.32
C VAL A 13 -0.30 2.77 -13.22
N ILE A 14 -0.55 2.72 -14.52
CA ILE A 14 0.33 3.39 -15.48
C ILE A 14 0.32 4.90 -15.27
N ALA A 15 1.49 5.51 -15.40
CA ALA A 15 1.61 6.97 -15.30
C ALA A 15 0.80 7.66 -16.40
N ALA A 16 0.20 8.79 -16.06
CA ALA A 16 -0.57 9.57 -17.02
C ALA A 16 -1.12 10.84 -16.39
N TRP A 1 0.42 -3.01 22.94
CA TRP A 1 0.34 -1.69 22.32
C TRP A 1 1.17 -1.65 21.03
N HIS A 2 1.01 -2.68 20.20
CA HIS A 2 1.72 -2.74 18.93
C HIS A 2 1.10 -1.81 17.90
N MET A 3 1.92 -1.29 17.00
CA MET A 3 1.43 -0.43 15.93
C MET A 3 0.98 -1.24 14.72
N TRP A 4 0.02 -0.70 13.98
CA TRP A 4 -0.41 -1.34 12.74
C TRP A 4 0.67 -1.25 11.68
N ASN A 5 0.88 -2.36 10.97
CA ASN A 5 1.87 -2.40 9.88
C ASN A 5 1.54 -3.50 8.89
N THR A 6 1.34 -3.12 7.63
CA THR A 6 1.00 -4.08 6.58
C THR A 6 1.54 -3.62 5.23
N VAL A 7 1.71 -4.58 4.32
CA VAL A 7 2.11 -4.27 2.95
C VAL A 7 0.90 -3.86 2.11
N PRO A 8 0.98 -2.67 1.49
CA PRO A 8 -0.07 -2.16 0.63
C PRO A 8 -0.46 -3.15 -0.47
N ASN A 9 -1.75 -3.24 -0.74
CA ASN A 9 -2.25 -4.13 -1.78
C ASN A 9 -2.76 -3.35 -2.98
N ALA A 10 -2.32 -2.10 -3.09
CA ALA A 10 -2.74 -1.23 -4.19
C ALA A 10 -2.30 -1.80 -5.54
N LYS A 11 -3.14 -1.61 -6.55
CA LYS A 11 -2.81 -2.04 -7.90
C LYS A 11 -1.84 -1.07 -8.57
N GLN A 12 -0.96 -1.59 -9.42
CA GLN A 12 -0.09 -0.76 -10.22
C GLN A 12 -0.87 -0.02 -11.31
N VAL A 13 -0.69 1.29 -11.39
CA VAL A 13 -1.38 2.10 -12.38
C VAL A 13 -0.39 2.81 -13.30
N ILE A 14 -0.65 2.73 -14.60
CA ILE A 14 0.22 3.37 -15.59
C ILE A 14 0.22 4.89 -15.40
N ALA A 15 1.39 5.50 -15.56
CA ALA A 15 1.50 6.96 -15.50
C ALA A 15 0.69 7.63 -16.60
N ALA A 16 0.09 8.76 -16.27
CA ALA A 16 -0.69 9.52 -17.24
C ALA A 16 -1.28 10.77 -16.61
N TRP A 1 2.42 -2.31 23.04
CA TRP A 1 1.33 -2.03 22.12
C TRP A 1 1.84 -1.86 20.70
N HIS A 2 1.73 -2.92 19.90
CA HIS A 2 2.15 -2.87 18.50
C HIS A 2 1.11 -2.15 17.65
N MET A 3 1.58 -1.48 16.60
CA MET A 3 0.69 -0.77 15.68
C MET A 3 0.55 -1.53 14.37
N TRP A 4 -0.59 -1.37 13.71
CA TRP A 4 -0.80 -1.94 12.39
C TRP A 4 0.18 -1.35 11.37
N ASN A 5 0.87 -2.22 10.65
CA ASN A 5 1.82 -1.78 9.63
C ASN A 5 2.12 -2.91 8.65
N THR A 6 1.43 -2.89 7.51
CA THR A 6 1.56 -3.96 6.52
C THR A 6 1.75 -3.37 5.13
N VAL A 7 2.09 -4.23 4.17
CA VAL A 7 2.19 -3.84 2.77
C VAL A 7 0.81 -3.58 2.17
N PRO A 8 0.74 -2.61 1.25
CA PRO A 8 -0.49 -2.29 0.53
C PRO A 8 -0.85 -3.36 -0.49
N ASN A 9 -2.15 -3.46 -0.82
CA ASN A 9 -2.60 -4.35 -1.89
C ASN A 9 -3.07 -3.55 -3.09
N ALA A 10 -2.64 -2.29 -3.17
CA ALA A 10 -3.03 -1.42 -4.27
C ALA A 10 -2.53 -1.96 -5.60
N LYS A 11 -3.31 -1.77 -6.66
CA LYS A 11 -2.92 -2.17 -8.00
C LYS A 11 -1.94 -1.17 -8.60
N GLN A 12 -1.01 -1.67 -9.42
CA GLN A 12 -0.12 -0.81 -10.17
C GLN A 12 -0.85 -0.08 -11.28
N VAL A 13 -0.69 1.24 -11.33
CA VAL A 13 -1.35 2.06 -12.34
C VAL A 13 -0.33 2.79 -13.21
N ILE A 14 -0.51 2.73 -14.52
CA ILE A 14 0.38 3.40 -15.45
C ILE A 14 0.35 4.91 -15.26
N ALA A 15 1.52 5.54 -15.35
CA ALA A 15 1.61 7.00 -15.25
C ALA A 15 0.83 7.66 -16.39
N ALA A 16 0.20 8.79 -16.08
CA ALA A 16 -0.54 9.54 -17.09
C ALA A 16 -1.18 10.79 -16.47
N TRP A 1 5.33 -0.38 21.71
CA TRP A 1 4.09 0.27 21.34
C TRP A 1 4.07 0.64 19.86
N HIS A 2 4.47 -0.31 19.02
CA HIS A 2 4.48 -0.10 17.58
C HIS A 2 3.06 -0.17 17.01
N MET A 3 2.83 0.58 15.94
CA MET A 3 1.53 0.56 15.27
C MET A 3 1.48 -0.55 14.21
N TRP A 4 0.28 -1.06 13.96
CA TRP A 4 0.08 -2.06 12.92
C TRP A 4 0.44 -1.49 11.55
N ASN A 5 1.38 -2.13 10.88
CA ASN A 5 1.84 -1.66 9.57
C ASN A 5 2.11 -2.83 8.63
N THR A 6 1.39 -2.85 7.51
CA THR A 6 1.56 -3.92 6.53
C THR A 6 1.74 -3.35 5.13
N VAL A 7 2.08 -4.22 4.18
CA VAL A 7 2.19 -3.82 2.78
C VAL A 7 0.82 -3.57 2.17
N PRO A 8 0.74 -2.60 1.25
CA PRO A 8 -0.49 -2.28 0.52
C PRO A 8 -0.85 -3.35 -0.51
N ASN A 9 -2.13 -3.44 -0.83
CA ASN A 9 -2.60 -4.33 -1.89
C ASN A 9 -3.07 -3.54 -3.10
N ALA A 10 -2.63 -2.29 -3.20
CA ALA A 10 -3.02 -1.42 -4.29
C ALA A 10 -2.52 -1.97 -5.62
N LYS A 11 -3.31 -1.77 -6.67
CA LYS A 11 -2.92 -2.20 -8.02
C LYS A 11 -1.94 -1.19 -8.63
N GLN A 12 -1.01 -1.70 -9.43
CA GLN A 12 -0.11 -0.86 -10.20
C GLN A 12 -0.85 -0.11 -11.29
N VAL A 13 -0.67 1.22 -11.33
CA VAL A 13 -1.33 2.05 -12.33
C VAL A 13 -0.32 2.77 -13.21
N ILE A 14 -0.55 2.72 -14.51
CA ILE A 14 0.33 3.39 -15.47
C ILE A 14 0.32 4.90 -15.26
N ALA A 15 1.50 5.51 -15.36
CA ALA A 15 1.62 6.96 -15.26
C ALA A 15 0.83 7.66 -16.37
N ALA A 16 0.22 8.79 -16.03
CA ALA A 16 -0.53 9.56 -17.00
C ALA A 16 -1.11 10.83 -16.36
#